data_7HEY
#
_entry.id   7HEY
#
_cell.length_a   88.766
_cell.length_b   88.766
_cell.length_c   39.531
_cell.angle_alpha   90.000
_cell.angle_beta   90.000
_cell.angle_gamma   90.000
#
_symmetry.space_group_name_H-M   'P 43'
#
loop_
_entity.id
_entity.type
_entity.pdbx_description
1 polymer 'Non-structural protein 3'
2 non-polymer 'trifluoroacetic acid'
3 non-polymer (2S,3R)-3-[(7H-pyrrolo[2,3-d]pyrimidin-4-yl)amino]pentan-2-ol
4 non-polymer (2R,3S)-3-[(7H-pyrrolo[2,3-d]pyrimidin-4-yl)amino]pentan-2-ol
5 non-polymer 'CHLORIDE ION'
6 water water
#
_entity_poly.entity_id   1
_entity_poly.type   'polypeptide(L)'
_entity_poly.pdbx_seq_one_letter_code
;SMVNSFSGYLKLTDNVYIKNADIVEEAKKVKPTVVVNAANVYLKHGGGVAGALNKATNNAMQVESDDYIATNGPLKVGGS
CVLSGHNLAKHCLHVVGPNVNKGEDIQLLKSAYENFNQHEVLLAPLLSAGIFGADPIHSLRVCVDTVRTNVYLAVFDKNL
YDKLVSSFL
;
_entity_poly.pdbx_strand_id   A,B
#
loop_
_chem_comp.id
_chem_comp.type
_chem_comp.name
_chem_comp.formula
A1BAI non-polymer (2S,3R)-3-[(7H-pyrrolo[2,3-d]pyrimidin-4-yl)amino]pentan-2-ol 'C11 H16 N4 O'
A1BAJ non-polymer (2R,3S)-3-[(7H-pyrrolo[2,3-d]pyrimidin-4-yl)amino]pentan-2-ol 'C11 H16 N4 O'
CL non-polymer 'CHLORIDE ION' 'Cl -1'
TFA non-polymer 'trifluoroacetic acid' 'C2 H F3 O2'
#
# COMPACT_ATOMS: atom_id res chain seq x y z
N VAL A 3 -23.08 5.43 3.65
N VAL A 3 -23.19 5.47 3.72
CA VAL A 3 -23.05 6.36 4.77
CA VAL A 3 -23.14 6.39 4.86
C VAL A 3 -22.21 5.80 5.91
C VAL A 3 -22.25 5.82 5.96
N ASN A 4 -21.36 6.66 6.48
CA ASN A 4 -20.51 6.30 7.61
C ASN A 4 -20.59 7.39 8.67
N SER A 5 -19.88 7.19 9.77
CA SER A 5 -20.03 8.03 10.96
C SER A 5 -18.97 9.13 11.07
N PHE A 6 -18.16 9.32 10.04
N PHE A 6 -18.14 9.29 10.05
CA PHE A 6 -17.21 10.43 10.05
CA PHE A 6 -17.11 10.34 10.07
C PHE A 6 -17.95 11.75 9.89
C PHE A 6 -17.81 11.69 10.03
N SER A 7 -17.51 12.77 10.63
N SER A 7 -17.79 12.39 11.16
CA SER A 7 -18.25 14.02 10.71
CA SER A 7 -18.57 13.61 11.34
C SER A 7 -17.30 15.22 10.64
C SER A 7 -17.69 14.82 11.14
N GLY A 8 -17.76 16.29 9.98
N GLY A 8 -18.19 15.80 10.37
CA GLY A 8 -17.01 17.54 9.93
CA GLY A 8 -17.53 17.08 10.26
C GLY A 8 -15.86 17.56 8.96
C GLY A 8 -16.39 17.14 9.27
N TYR A 9 -15.78 16.61 8.04
N TYR A 9 -16.26 16.17 8.37
CA TYR A 9 -14.71 16.58 7.05
CA TYR A 9 -15.16 16.21 7.42
C TYR A 9 -15.04 17.46 5.84
C TYR A 9 -15.50 17.10 6.22
N LEU A 10 -14.03 18.13 5.33
N LEU A 10 -14.46 17.67 5.64
CA LEU A 10 -14.10 18.76 4.03
CA LEU A 10 -14.55 18.43 4.40
C LEU A 10 -13.82 17.72 2.94
C LEU A 10 -14.21 17.50 3.25
N LYS A 11 -14.63 17.74 1.88
N LYS A 11 -15.06 17.48 2.24
CA LYS A 11 -14.50 16.79 0.78
CA LYS A 11 -14.83 16.64 1.07
C LYS A 11 -13.52 17.35 -0.25
C LYS A 11 -13.80 17.32 0.17
N LEU A 12 -12.41 16.64 -0.50
N LEU A 12 -12.70 16.64 -0.09
CA LEU A 12 -11.46 17.11 -1.50
CA LEU A 12 -11.68 17.14 -1.02
C LEU A 12 -11.72 16.53 -2.88
C LEU A 12 -11.85 16.59 -2.42
N THR A 13 -12.04 15.24 -2.97
N THR A 13 -12.17 15.30 -2.55
CA THR A 13 -12.29 14.55 -4.23
CA THR A 13 -12.38 14.66 -3.83
C THR A 13 -13.41 13.55 -3.99
C THR A 13 -13.53 13.66 -3.69
N ASP A 14 -13.68 12.72 -5.00
N ASP A 14 -13.71 12.87 -4.75
CA ASP A 14 -14.69 11.68 -4.86
CA ASP A 14 -14.71 11.81 -4.75
C ASP A 14 -14.47 10.86 -3.59
C ASP A 14 -14.46 10.79 -3.64
N ASN A 15 -13.21 10.59 -3.24
CA ASN A 15 -12.89 9.59 -2.22
C ASN A 15 -12.02 10.08 -1.07
N VAL A 16 -11.52 11.31 -1.10
N VAL A 16 -11.62 11.35 -1.02
CA VAL A 16 -10.60 11.83 -0.10
CA VAL A 16 -10.75 11.86 0.03
C VAL A 16 -11.26 12.99 0.64
C VAL A 16 -11.47 12.93 0.84
N TYR A 17 -11.24 12.89 1.97
N TYR A 17 -11.30 12.88 2.17
CA TYR A 17 -11.80 13.85 2.89
CA TYR A 17 -11.94 13.78 3.11
C TYR A 17 -10.73 14.27 3.88
C TYR A 17 -10.92 14.19 4.17
N ILE A 18 -10.86 15.48 4.45
N ILE A 18 -11.09 15.40 4.75
CA ILE A 18 -9.81 16.03 5.31
CA ILE A 18 -10.08 15.94 5.66
C ILE A 18 -10.41 16.85 6.45
C ILE A 18 -10.74 16.68 6.82
N LYS A 19 -9.74 16.83 7.61
N LYS A 19 -10.12 16.58 8.00
CA LYS A 19 -10.23 17.51 8.80
CA LYS A 19 -10.62 17.21 9.22
C LYS A 19 -9.05 17.86 9.70
C LYS A 19 -9.44 17.61 10.09
N ASN A 20 -9.15 19.00 10.40
N ASN A 20 -9.57 18.74 10.77
CA ASN A 20 -8.19 19.34 11.45
CA ASN A 20 -8.58 19.18 11.74
C ASN A 20 -8.60 18.57 12.71
C ASN A 20 -8.87 18.48 13.07
N ALA A 21 -7.83 17.54 13.06
N ALA A 21 -8.19 17.36 13.32
CA ALA A 21 -8.24 16.70 14.18
CA ALA A 21 -8.38 16.63 14.55
C ALA A 21 -7.06 15.91 14.71
C ALA A 21 -7.19 15.70 14.75
N ASP A 22 -7.17 15.54 15.98
N ASP A 22 -6.88 15.42 16.01
CA ASP A 22 -6.25 14.62 16.65
CA ASP A 22 -5.95 14.35 16.35
C ASP A 22 -6.70 13.20 16.33
C ASP A 22 -6.55 13.02 15.88
N ILE A 23 -5.88 12.46 15.59
N ILE A 23 -5.76 12.25 15.12
CA ILE A 23 -6.27 11.14 15.11
CA ILE A 23 -6.24 10.96 14.64
C ILE A 23 -6.61 10.20 16.27
C ILE A 23 -6.61 10.05 15.80
N VAL A 24 -5.97 10.39 17.43
N VAL A 24 -5.93 10.21 16.93
CA VAL A 24 -6.30 9.58 18.60
CA VAL A 24 -6.27 9.43 18.12
C VAL A 24 -7.73 9.83 19.03
C VAL A 24 -7.69 9.77 18.59
N GLU A 25 -8.10 11.11 19.17
N GLU A 25 -8.04 11.06 18.60
CA GLU A 25 -9.45 11.44 19.62
CA GLU A 25 -9.37 11.47 19.01
C GLU A 25 -10.48 11.07 18.56
C GLU A 25 -10.42 11.05 17.98
N GLU A 26 -10.12 11.23 17.28
N GLU A 26 -10.09 11.15 16.69
CA GLU A 26 -11.03 10.81 16.21
CA GLU A 26 -11.01 10.64 15.67
C GLU A 26 -11.28 9.31 16.26
C GLU A 26 -11.24 9.14 15.83
N ALA A 27 -10.21 8.52 16.41
N ALA A 27 -10.19 8.39 16.18
CA ALA A 27 -10.37 7.07 16.46
CA ALA A 27 -10.35 6.95 16.34
C ALA A 27 -11.24 6.65 17.65
C ALA A 27 -11.19 6.62 17.56
N LYS A 28 -11.01 7.25 18.82
N LYS A 28 -10.96 7.29 18.68
CA LYS A 28 -11.80 6.89 19.99
CA LYS A 28 -11.73 7.01 19.89
C LYS A 28 -13.27 7.22 19.78
C LYS A 28 -13.21 7.26 19.67
N LYS A 29 -13.59 8.25 19.01
N LYS A 29 -13.56 8.32 18.94
CA LYS A 29 -14.97 8.62 18.77
CA LYS A 29 -14.96 8.67 18.74
C LYS A 29 -15.61 7.73 17.71
C LYS A 29 -15.61 7.78 17.69
N VAL A 30 -14.93 7.54 16.57
CA VAL A 30 -15.53 6.81 15.46
C VAL A 30 -15.42 5.30 15.61
N LYS A 31 -14.34 4.80 16.22
CA LYS A 31 -14.01 3.38 16.22
C LYS A 31 -14.06 2.83 14.80
N PRO A 32 -13.25 3.37 13.90
CA PRO A 32 -13.30 2.94 12.50
C PRO A 32 -12.85 1.51 12.35
N THR A 33 -13.20 0.93 11.20
CA THR A 33 -12.70 -0.40 10.87
C THR A 33 -11.18 -0.42 10.80
N VAL A 34 -10.59 0.62 10.21
CA VAL A 34 -9.14 0.72 10.03
C VAL A 34 -8.67 2.11 10.42
N VAL A 35 -7.73 2.18 11.36
CA VAL A 35 -6.92 3.36 11.58
C VAL A 35 -5.52 3.09 11.06
N VAL A 36 -4.95 4.05 10.32
CA VAL A 36 -3.59 3.94 9.81
C VAL A 36 -2.62 4.54 10.81
N ASN A 37 -1.56 3.80 11.11
CA ASN A 37 -0.43 4.31 11.87
C ASN A 37 0.71 4.71 10.94
N ALA A 38 1.34 5.84 11.26
N ALA A 38 1.34 5.84 11.23
CA ALA A 38 2.57 6.30 10.63
CA ALA A 38 2.53 6.27 10.51
C ALA A 38 3.74 5.55 11.27
C ALA A 38 3.75 5.62 11.19
N ALA A 39 3.97 4.33 10.78
N ALA A 39 3.95 4.34 10.87
CA ALA A 39 4.91 3.40 11.39
CA ALA A 39 4.95 3.53 11.55
C ALA A 39 6.32 3.58 10.82
C ALA A 39 6.30 3.61 10.86
N ASN A 40 7.29 2.98 11.53
N ASN A 40 7.34 3.19 11.60
CA ASN A 40 8.62 2.71 10.99
CA ASN A 40 8.66 2.99 11.03
C ASN A 40 8.79 1.20 10.84
C ASN A 40 8.89 1.49 10.84
N VAL A 41 9.87 0.80 10.16
N VAL A 41 10.02 1.15 10.21
CA VAL A 41 10.05 -0.61 9.81
CA VAL A 41 10.25 -0.23 9.80
C VAL A 41 10.18 -1.52 11.02
C VAL A 41 10.32 -1.17 11.00
N TYR A 42 10.59 -0.97 12.17
N TYR A 42 10.70 -0.67 12.17
CA TYR A 42 10.76 -1.74 13.40
CA TYR A 42 10.84 -1.50 13.36
C TYR A 42 9.51 -1.74 14.26
C TYR A 42 9.61 -1.50 14.24
N LEU A 43 8.46 -1.06 13.82
N LEU A 43 8.54 -0.81 13.84
CA LEU A 43 7.26 -0.85 14.63
CA LEU A 43 7.32 -0.68 14.62
C LEU A 43 7.61 -0.37 16.04
C LEU A 43 7.60 -0.21 16.05
N LYS A 44 8.58 0.54 16.11
N LYS A 44 8.56 0.71 16.18
CA LYS A 44 8.92 1.21 17.37
CA LYS A 44 8.85 1.36 17.46
C LYS A 44 8.14 2.52 17.43
C LYS A 44 8.04 2.65 17.51
N HIS A 45 7.11 2.54 18.26
N HIS A 45 6.95 2.62 18.26
CA HIS A 45 6.11 3.61 18.23
CA HIS A 45 5.99 3.74 18.27
C HIS A 45 6.47 4.69 19.25
C HIS A 45 6.36 4.72 19.38
N GLY A 46 7.47 5.50 18.90
N GLY A 46 7.43 5.46 19.13
CA GLY A 46 8.05 6.41 19.87
CA GLY A 46 7.96 6.35 20.15
C GLY A 46 7.48 7.80 19.91
C GLY A 46 7.33 7.73 20.18
N GLY A 47 7.11 8.34 18.74
N GLY A 47 6.95 8.27 19.03
CA GLY A 47 6.72 9.73 18.65
CA GLY A 47 6.43 9.63 18.98
C GLY A 47 5.79 9.95 17.47
C GLY A 47 5.59 9.85 17.73
N GLY A 48 5.39 11.20 17.28
N GLY A 48 5.15 11.10 17.57
CA GLY A 48 4.44 11.51 16.23
CA GLY A 48 4.33 11.43 16.41
C GLY A 48 3.15 10.75 16.44
C GLY A 48 3.00 10.71 16.45
N VAL A 49 2.48 10.46 15.31
N VAL A 49 2.51 10.33 15.26
CA VAL A 49 1.23 9.70 15.35
CA VAL A 49 1.28 9.56 15.19
C VAL A 49 1.42 8.37 16.08
C VAL A 49 1.43 8.23 15.93
N ALA A 50 2.51 7.65 15.76
N ALA A 50 2.57 7.56 15.72
CA ALA A 50 2.69 6.31 16.32
CA ALA A 50 2.78 6.24 16.31
C ALA A 50 2.81 6.36 17.83
C ALA A 50 2.84 6.32 17.82
N GLY A 51 3.61 7.27 18.36
CA GLY A 51 3.73 7.39 19.79
C GLY A 51 2.40 7.72 20.44
N ALA A 52 1.60 8.58 19.78
CA ALA A 52 0.31 8.97 20.32
C ALA A 52 -0.68 7.81 20.28
N LEU A 53 -0.77 7.11 19.16
N LEU A 53 -0.75 7.10 19.15
CA LEU A 53 -1.67 5.95 19.10
CA LEU A 53 -1.64 5.95 19.05
C LEU A 53 -1.27 4.92 20.15
C LEU A 53 -1.27 4.88 20.07
N ASN A 54 0.02 4.61 20.22
CA ASN A 54 0.45 3.57 21.15
C ASN A 54 0.13 3.96 22.59
N LYS A 55 0.39 5.22 22.96
CA LYS A 55 0.07 5.69 24.30
C LYS A 55 -1.41 5.50 24.61
N ALA A 56 -2.28 5.78 23.64
CA ALA A 56 -3.71 5.63 23.83
C ALA A 56 -4.13 4.18 24.04
N THR A 57 -3.33 3.22 23.56
CA THR A 57 -3.57 1.78 23.83
C THR A 57 -2.90 1.30 25.11
N ASN A 58 -2.33 2.19 25.91
CA ASN A 58 -1.66 1.78 27.15
C ASN A 58 -0.49 0.84 26.86
N ASN A 59 0.18 1.04 25.72
CA ASN A 59 1.36 0.29 25.27
C ASN A 59 1.00 -1.09 24.70
N ALA A 60 -0.28 -1.45 24.61
CA ALA A 60 -0.62 -2.75 24.04
C ALA A 60 -0.23 -2.83 22.57
N MET A 61 -0.31 -1.72 21.83
CA MET A 61 0.16 -1.71 20.45
C MET A 61 1.63 -2.08 20.36
N GLN A 62 2.46 -1.51 21.24
CA GLN A 62 3.89 -1.82 21.23
C GLN A 62 4.16 -3.29 21.57
N VAL A 63 3.45 -3.83 22.56
CA VAL A 63 3.65 -5.23 22.93
C VAL A 63 3.33 -6.15 21.76
N GLU A 64 2.19 -5.90 21.10
CA GLU A 64 1.80 -6.70 19.94
C GLU A 64 2.83 -6.54 18.81
N SER A 65 3.29 -5.31 18.60
CA SER A 65 4.25 -5.02 17.54
C SER A 65 5.57 -5.72 17.77
N ASP A 66 6.04 -5.78 19.03
CA ASP A 66 7.31 -6.43 19.31
C ASP A 66 7.23 -7.92 18.99
N ASP A 67 6.10 -8.55 19.29
CA ASP A 67 5.93 -9.95 18.90
C ASP A 67 5.88 -10.11 17.38
N TYR A 68 5.21 -9.19 16.69
CA TYR A 68 5.18 -9.24 15.22
C TYR A 68 6.60 -9.19 14.65
N ILE A 69 7.43 -8.26 15.13
CA ILE A 69 8.79 -8.12 14.60
C ILE A 69 9.64 -9.34 14.96
N ALA A 70 9.49 -9.86 16.17
CA ALA A 70 10.26 -11.03 16.57
C ALA A 70 9.96 -12.22 15.65
N THR A 71 8.73 -12.31 15.16
CA THR A 71 8.35 -13.41 14.28
C THR A 71 8.73 -13.15 12.82
N ASN A 72 8.50 -11.93 12.33
CA ASN A 72 8.52 -11.63 10.91
C ASN A 72 9.67 -10.76 10.45
N GLY A 73 10.37 -10.10 11.36
CA GLY A 73 11.39 -9.15 10.99
C GLY A 73 10.77 -7.83 10.56
N PRO A 74 11.64 -6.87 10.23
CA PRO A 74 11.16 -5.52 9.93
C PRO A 74 10.32 -5.46 8.65
N LEU A 75 9.46 -4.46 8.61
CA LEU A 75 8.76 -4.12 7.38
C LEU A 75 9.73 -3.50 6.38
N LYS A 76 9.25 -3.33 5.15
CA LYS A 76 9.93 -2.55 4.12
C LYS A 76 9.44 -1.10 4.17
N VAL A 77 10.32 -0.15 3.86
CA VAL A 77 9.86 1.20 3.59
C VAL A 77 8.93 1.16 2.38
N GLY A 78 7.73 1.71 2.53
CA GLY A 78 6.67 1.58 1.55
C GLY A 78 5.71 0.46 1.85
N GLY A 79 6.02 -0.40 2.82
CA GLY A 79 5.20 -1.55 3.14
C GLY A 79 4.27 -1.32 4.33
N SER A 80 3.58 -2.39 4.71
CA SER A 80 2.57 -2.30 5.75
C SER A 80 2.32 -3.67 6.36
N CYS A 81 1.67 -3.66 7.52
CA CYS A 81 1.07 -4.87 8.07
C CYS A 81 -0.22 -4.49 8.79
N VAL A 82 -1.13 -5.43 8.89
CA VAL A 82 -2.38 -5.27 9.61
C VAL A 82 -2.25 -5.91 10.98
N LEU A 83 -2.46 -5.14 12.03
CA LEU A 83 -2.48 -5.63 13.39
C LEU A 83 -3.77 -5.17 14.05
N SER A 84 -3.90 -5.48 15.35
CA SER A 84 -5.10 -5.08 16.07
C SER A 84 -5.21 -3.56 16.16
N GLY A 85 -6.45 -3.07 16.17
CA GLY A 85 -6.71 -1.69 16.49
C GLY A 85 -6.91 -1.42 17.97
N HIS A 86 -6.87 -2.46 18.79
CA HIS A 86 -6.95 -2.32 20.25
C HIS A 86 -8.24 -1.56 20.58
N ASN A 87 -8.18 -0.57 21.46
CA ASN A 87 -9.35 0.19 21.86
C ASN A 87 -9.70 1.32 20.91
N LEU A 88 -8.97 1.45 19.80
CA LEU A 88 -9.13 2.61 18.91
C LEU A 88 -9.88 2.31 17.63
N ALA A 89 -9.83 1.06 17.15
CA ALA A 89 -10.34 0.69 15.84
C ALA A 89 -10.39 -0.84 15.83
N LYS A 90 -11.07 -1.40 14.84
CA LYS A 90 -11.01 -2.84 14.67
C LYS A 90 -9.58 -3.29 14.35
N HIS A 91 -8.98 -2.64 13.35
CA HIS A 91 -7.65 -2.96 12.87
C HIS A 91 -6.80 -1.69 12.83
N CYS A 92 -5.49 -1.87 12.97
CA CYS A 92 -4.53 -0.84 12.67
C CYS A 92 -3.68 -1.27 11.49
N LEU A 93 -3.70 -0.48 10.42
CA LEU A 93 -2.81 -0.67 9.28
C LEU A 93 -1.56 0.15 9.53
N HIS A 94 -0.47 -0.52 9.89
CA HIS A 94 0.82 0.13 10.11
C HIS A 94 1.48 0.31 8.75
N VAL A 95 1.66 1.56 8.31
CA VAL A 95 2.21 1.86 7.00
C VAL A 95 3.49 2.65 7.18
N VAL A 96 4.55 2.24 6.48
CA VAL A 96 5.85 2.89 6.56
C VAL A 96 6.03 3.81 5.36
N GLY A 97 5.87 5.10 5.56
CA GLY A 97 6.29 6.06 4.57
C GLY A 97 7.78 6.33 4.71
N PRO A 98 8.41 6.82 3.65
CA PRO A 98 9.82 7.19 3.74
C PRO A 98 10.04 8.33 4.74
N ASN A 99 11.11 8.20 5.54
N ASN A 99 11.16 8.23 5.43
CA ASN A 99 11.49 9.22 6.51
CA ASN A 99 11.67 9.28 6.30
C ASN A 99 12.64 10.03 5.92
C ASN A 99 12.62 10.15 5.48
N VAL A 100 12.34 11.27 5.51
N VAL A 100 12.23 11.40 5.26
CA VAL A 100 13.35 12.13 4.91
CA VAL A 100 13.06 12.34 4.50
C VAL A 100 14.47 12.42 5.89
C VAL A 100 14.39 12.58 5.21
N ASN A 101 14.17 12.47 7.18
N ASN A 101 14.34 12.71 6.55
CA ASN A 101 15.22 12.70 8.16
CA ASN A 101 15.55 12.99 7.30
C ASN A 101 16.14 11.48 8.33
C ASN A 101 16.57 11.87 7.16
N LYS A 102 15.87 10.38 7.61
N LYS A 102 16.12 10.65 6.96
CA LYS A 102 16.76 9.24 7.51
CA LYS A 102 17.01 9.51 6.72
C LYS A 102 17.38 9.08 6.12
C LYS A 102 17.38 9.38 5.25
N GLY A 103 17.03 9.95 5.17
N GLY A 103 16.97 10.31 4.40
CA GLY A 103 17.57 9.85 3.82
CA GLY A 103 17.31 10.23 2.99
C GLY A 103 16.84 8.90 2.91
C GLY A 103 16.57 9.17 2.22
N GLU A 104 15.57 8.60 3.18
N GLU A 104 15.50 8.60 2.79
CA GLU A 104 14.83 7.61 2.39
CA GLU A 104 14.77 7.56 2.11
C GLU A 104 14.15 8.25 1.18
C GLU A 104 13.97 8.12 0.93
N ASP A 105 13.95 7.44 0.14
N ASP A 105 13.98 7.38 -0.17
CA ASP A 105 13.52 7.92 -1.16
CA ASP A 105 13.40 7.82 -1.43
C ASP A 105 12.05 8.34 -1.13
C ASP A 105 11.96 8.27 -1.27
N ILE A 106 11.79 9.61 -1.44
N ILE A 106 11.71 9.55 -1.53
CA ILE A 106 10.42 10.12 -1.37
CA ILE A 106 10.35 10.07 -1.42
C ILE A 106 9.50 9.45 -2.38
C ILE A 106 9.42 9.44 -2.43
N GLN A 107 10.07 8.89 -3.47
N GLN A 107 9.96 8.90 -3.53
CA GLN A 107 9.24 8.16 -4.43
CA GLN A 107 9.13 8.14 -4.47
C GLN A 107 8.51 7.00 -3.77
C GLN A 107 8.50 6.94 -3.80
N LEU A 108 9.03 6.48 -2.66
CA LEU A 108 8.39 5.39 -1.94
C LEU A 108 7.10 5.83 -1.28
N LEU A 109 6.80 7.13 -1.25
CA LEU A 109 5.55 7.57 -0.67
C LEU A 109 4.35 7.04 -1.44
N LYS A 110 4.44 6.97 -2.76
CA LYS A 110 3.33 6.43 -3.53
C LYS A 110 3.11 4.97 -3.18
N SER A 111 4.20 4.19 -3.10
CA SER A 111 4.08 2.78 -2.69
C SER A 111 3.42 2.65 -1.32
N ALA A 112 3.78 3.53 -0.39
CA ALA A 112 3.17 3.51 0.94
C ALA A 112 1.66 3.72 0.86
N TYR A 113 1.24 4.73 0.10
CA TYR A 113 -0.20 5.00 -0.01
C TYR A 113 -0.95 3.86 -0.73
N GLU A 114 -0.29 3.12 -1.62
CA GLU A 114 -0.96 2.01 -2.30
C GLU A 114 -1.52 1.01 -1.31
N ASN A 115 -0.91 0.87 -0.13
CA ASN A 115 -1.43 -0.05 0.87
C ASN A 115 -2.87 0.29 1.25
N PHE A 116 -3.24 1.58 1.19
CA PHE A 116 -4.60 1.97 1.58
C PHE A 116 -5.65 1.33 0.68
N ASN A 117 -5.28 1.00 -0.56
CA ASN A 117 -6.27 0.49 -1.52
C ASN A 117 -6.76 -0.91 -1.19
N GLN A 118 -6.13 -1.57 -0.22
CA GLN A 118 -6.60 -2.88 0.23
C GLN A 118 -7.70 -2.79 1.26
N HIS A 119 -8.17 -1.57 1.58
CA HIS A 119 -9.19 -1.34 2.60
C HIS A 119 -10.20 -0.35 2.09
N GLU A 120 -11.49 -0.67 2.26
CA GLU A 120 -12.54 0.13 1.64
C GLU A 120 -12.66 1.52 2.25
N VAL A 121 -12.42 1.64 3.56
CA VAL A 121 -12.53 2.91 4.28
C VAL A 121 -11.43 2.95 5.35
N LEU A 122 -10.76 4.09 5.48
CA LEU A 122 -9.69 4.25 6.46
C LEU A 122 -9.71 5.64 7.07
N LEU A 123 -9.35 5.70 8.36
CA LEU A 123 -8.95 6.94 9.03
C LEU A 123 -7.42 6.97 9.02
N ALA A 124 -6.83 8.08 8.60
N ALA A 124 -6.84 8.02 8.45
CA ALA A 124 -5.39 8.08 8.38
CA ALA A 124 -5.41 7.98 8.14
C ALA A 124 -4.77 9.45 8.61
C ALA A 124 -4.74 9.33 8.37
N PRO A 125 -3.48 9.50 8.92
N PRO A 125 -3.46 9.31 8.71
CA PRO A 125 -2.69 10.72 8.81
CA PRO A 125 -2.70 10.56 8.81
C PRO A 125 -2.05 10.83 7.42
C PRO A 125 -2.00 10.84 7.49
N LEU A 126 -1.50 12.00 7.14
N LEU A 126 -1.36 12.01 7.42
CA LEU A 126 -0.69 12.19 5.94
CA LEU A 126 -0.56 12.35 6.23
C LEU A 126 0.65 11.49 6.12
C LEU A 126 0.78 11.63 6.36
N LEU A 127 0.92 10.52 5.25
N LEU A 127 0.94 10.54 5.60
CA LEU A 127 2.14 9.74 5.35
CA LEU A 127 2.16 9.75 5.71
C LEU A 127 3.36 10.61 5.06
C LEU A 127 3.38 10.58 5.31
N SER A 128 4.43 10.34 5.80
N SER A 128 4.50 10.28 5.97
CA SER A 128 5.72 11.01 5.74
CA SER A 128 5.79 10.89 5.68
C SER A 128 5.70 12.47 6.18
C SER A 128 5.87 12.35 6.13
N ALA A 129 4.56 12.98 6.66
N ALA A 129 4.74 12.93 6.54
CA ALA A 129 4.48 14.34 7.19
CA ALA A 129 4.72 14.30 7.07
C ALA A 129 5.00 14.39 8.63
C ALA A 129 5.08 14.25 8.56
N GLY A 130 4.89 15.57 9.24
N GLY A 130 4.98 15.39 9.23
CA GLY A 130 5.32 15.72 10.61
CA GLY A 130 5.36 15.44 10.64
C GLY A 130 6.79 15.36 10.76
C GLY A 130 6.82 15.10 10.79
N ILE A 131 7.09 14.57 11.80
N ILE A 131 7.12 14.24 11.78
CA ILE A 131 8.48 14.23 12.12
CA ILE A 131 8.51 13.91 12.10
C ILE A 131 9.15 13.34 11.09
C ILE A 131 9.22 13.12 11.01
N PHE A 132 8.40 12.81 10.10
N PHE A 132 8.50 12.62 10.00
CA PHE A 132 9.01 12.10 8.99
CA PHE A 132 9.14 11.86 8.94
C PHE A 132 9.60 13.03 7.94
C PHE A 132 9.83 12.74 7.89
N GLY A 133 9.37 14.34 8.04
N GLY A 133 9.54 14.05 7.87
CA GLY A 133 10.16 15.32 7.33
CA GLY A 133 10.37 15.01 7.16
C GLY A 133 9.81 15.60 5.87
C GLY A 133 9.75 15.64 5.93
N ALA A 134 8.75 15.00 5.32
N ALA A 134 8.68 15.06 5.39
CA ALA A 134 8.38 15.34 3.96
CA ALA A 134 8.16 15.49 4.10
C ALA A 134 7.45 16.56 3.94
C ALA A 134 7.13 16.61 4.25
N ASP A 135 7.27 17.11 2.73
N ASP A 135 6.94 17.35 3.16
CA ASP A 135 6.36 18.25 2.54
CA ASP A 135 5.97 18.43 3.10
C ASP A 135 4.92 17.74 2.62
C ASP A 135 4.56 17.84 3.09
N PRO A 136 4.12 18.21 3.57
N PRO A 136 3.71 18.16 4.07
CA PRO A 136 2.73 17.71 3.67
CA PRO A 136 2.36 17.60 4.08
C PRO A 136 1.88 18.04 2.46
C PRO A 136 1.54 17.94 2.84
N ILE A 137 2.12 19.17 1.78
N ILE A 137 1.83 19.06 2.18
CA ILE A 137 1.38 19.46 0.56
CA ILE A 137 1.13 19.40 0.94
C ILE A 137 1.62 18.37 -0.47
C ILE A 137 1.41 18.35 -0.13
N HIS A 138 2.88 17.92 -0.57
N HIS A 138 2.68 17.98 -0.29
CA HIS A 138 3.18 16.80 -1.45
CA HIS A 138 3.04 16.97 -1.29
C HIS A 138 2.51 15.51 -0.99
C HIS A 138 2.43 15.63 -0.95
N SER A 139 2.52 15.24 0.33
CA SER A 139 1.89 14.01 0.79
C SER A 139 0.40 13.97 0.45
N LEU A 140 -0.29 15.10 0.62
CA LEU A 140 -1.72 15.14 0.27
C LEU A 140 -1.93 14.89 -1.22
N ARG A 141 -1.07 15.49 -2.06
CA ARG A 141 -1.19 15.29 -3.51
C ARG A 141 -1.00 13.82 -3.86
N VAL A 142 0.03 13.18 -3.31
CA VAL A 142 0.25 11.76 -3.58
C VAL A 142 -0.93 10.93 -3.10
N CYS A 143 -1.47 11.26 -1.93
CA CYS A 143 -2.64 10.55 -1.43
C CYS A 143 -3.78 10.61 -2.43
N VAL A 144 -4.13 11.83 -2.86
CA VAL A 144 -5.26 12.01 -3.76
C VAL A 144 -5.04 11.27 -5.07
N ASP A 145 -3.80 11.25 -5.56
CA ASP A 145 -3.48 10.65 -6.85
C ASP A 145 -3.19 9.15 -6.77
N THR A 146 -3.22 8.55 -5.58
CA THR A 146 -2.88 7.15 -5.41
C THR A 146 -3.99 6.33 -4.76
N VAL A 147 -4.62 6.86 -3.71
CA VAL A 147 -5.66 6.13 -2.99
C VAL A 147 -6.97 6.26 -3.75
N ARG A 148 -7.61 5.12 -4.00
CA ARG A 148 -8.89 5.04 -4.66
C ARG A 148 -10.03 4.66 -3.73
N THR A 149 -9.70 4.11 -2.55
CA THR A 149 -10.68 3.80 -1.54
C THR A 149 -10.96 5.06 -0.72
N ASN A 150 -11.89 4.96 0.21
CA ASN A 150 -12.39 6.13 0.93
C ASN A 150 -11.50 6.44 2.13
N VAL A 151 -10.81 7.57 2.08
CA VAL A 151 -9.84 7.92 3.11
C VAL A 151 -10.25 9.23 3.78
N TYR A 152 -10.26 9.18 5.12
CA TYR A 152 -10.57 10.29 6.00
C TYR A 152 -9.27 10.70 6.68
N LEU A 153 -8.73 11.83 6.26
N LEU A 153 -8.77 11.87 6.35
CA LEU A 153 -7.43 12.33 6.70
CA LEU A 153 -7.49 12.33 6.88
C LEU A 153 -7.58 13.27 7.89
C LEU A 153 -7.73 13.20 8.11
N ALA A 154 -6.84 12.98 8.95
N ALA A 154 -7.10 12.82 9.22
CA ALA A 154 -6.78 13.81 10.15
CA ALA A 154 -7.10 13.61 10.45
C ALA A 154 -5.45 14.56 10.15
C ALA A 154 -5.77 14.35 10.52
N VAL A 155 -5.52 15.88 10.16
N VAL A 155 -5.84 15.68 10.55
CA VAL A 155 -4.35 16.75 10.18
CA VAL A 155 -4.66 16.54 10.62
CA VAL A 155 -4.42 16.71 10.19
C VAL A 155 -4.33 17.44 11.55
C VAL A 155 -4.68 17.25 11.96
C VAL A 155 -4.34 17.28 11.61
N PHE A 156 -3.36 17.07 12.39
N PHE A 156 -3.64 17.03 12.77
N PHE A 156 -3.21 17.01 12.28
CA PHE A 156 -3.36 17.54 13.78
CA PHE A 156 -3.56 17.60 14.12
CA PHE A 156 -3.06 17.39 13.69
C PHE A 156 -3.20 19.05 13.86
C PHE A 156 -2.73 18.88 14.14
C PHE A 156 -2.93 18.89 13.86
N ASP A 157 -2.26 19.61 13.10
N ASP A 157 -3.01 19.83 13.26
N ASP A 157 -2.15 19.52 12.99
CA ASP A 157 -1.91 21.01 13.24
CA ASP A 157 -2.34 21.12 13.28
CA ASP A 157 -1.76 20.92 13.15
C ASP A 157 -2.94 21.87 12.50
C ASP A 157 -3.14 22.10 12.43
C ASP A 157 -2.81 21.81 12.49
N LYS A 158 -3.67 22.71 13.25
N LYS A 158 -3.47 23.25 13.02
N LYS A 158 -3.47 22.66 13.28
CA LYS A 158 -4.70 23.54 12.63
CA LYS A 158 -4.38 24.20 12.38
CA LYS A 158 -4.53 23.49 12.73
C LYS A 158 -4.09 24.47 11.60
C LYS A 158 -3.74 24.87 11.18
C LYS A 158 -3.99 24.44 11.67
N ASN A 159 -2.95 25.09 11.92
N ASN A 159 -2.58 25.51 11.37
N ASN A 159 -2.84 25.04 11.90
CA ASN A 159 -2.32 25.96 10.94
CA ASN A 159 -1.96 26.26 10.29
CA ASN A 159 -2.27 25.95 10.92
C ASN A 159 -1.98 25.21 9.68
C ASN A 159 -1.71 25.37 9.07
C ASN A 159 -1.90 25.24 9.63
N LEU A 160 -1.47 23.97 9.80
N LEU A 160 -1.23 24.15 9.29
N LEU A 160 -1.43 24.00 9.72
CA LEU A 160 -1.17 23.20 8.61
CA LEU A 160 -1.03 23.23 8.18
CA LEU A 160 -1.03 23.26 8.54
C LEU A 160 -2.43 22.83 7.85
C LEU A 160 -2.36 22.80 7.58
N TYR A 161 -3.48 22.43 8.56
N TYR A 161 -3.34 22.48 8.42
CA TYR A 161 -4.74 22.12 7.90
CA TYR A 161 -4.66 22.09 7.91
C TYR A 161 -5.20 23.26 7.01
C TYR A 161 -5.27 23.19 7.03
N ASP A 162 -5.22 24.49 7.54
N ASP A 162 -5.26 24.43 7.53
CA ASP A 162 -5.65 25.63 6.75
CA ASP A 162 -5.89 25.51 6.77
C ASP A 162 -4.77 25.80 5.52
C ASP A 162 -5.19 25.72 5.42
N LYS A 163 -3.45 25.62 5.68
N LYS A 163 -3.89 25.48 5.36
CA LYS A 163 -2.56 25.72 4.53
CA LYS A 163 -3.16 25.66 4.11
C LYS A 163 -2.85 24.63 3.51
C LYS A 163 -3.33 24.47 3.16
N LEU A 164 -3.15 23.42 3.98
N LEU A 164 -3.49 23.27 3.71
CA LEU A 164 -3.42 22.33 3.05
CA LEU A 164 -3.76 22.10 2.88
C LEU A 164 -4.70 22.57 2.26
C LEU A 164 -5.04 22.28 2.08
N VAL A 165 -5.75 23.04 2.94
N VAL A 165 -6.09 22.78 2.73
CA VAL A 165 -7.01 23.34 2.27
CA VAL A 165 -7.35 23.01 2.03
C VAL A 165 -6.82 24.46 1.26
C VAL A 165 -7.22 24.17 1.06
N SER A 166 -6.23 25.58 1.71
N SER A 166 -6.63 25.28 1.51
CA SER A 166 -6.14 26.75 0.86
CA SER A 166 -6.62 26.50 0.71
C SER A 166 -5.25 26.54 -0.35
C SER A 166 -5.89 26.32 -0.62
N SER A 167 -4.32 25.58 -0.28
N SER A 167 -4.88 25.45 -0.66
CA SER A 167 -3.41 25.32 -1.38
CA SER A 167 -4.04 25.30 -1.83
C SER A 167 -3.82 24.11 -2.22
C SER A 167 -4.40 24.06 -2.66
N PHE A 168 -4.93 23.46 -1.91
N PHE A 168 -5.59 23.51 -2.49
CA PHE A 168 -5.28 22.23 -2.61
CA PHE A 168 -5.88 22.20 -3.05
C PHE A 168 -5.75 22.54 -4.03
C PHE A 168 -6.29 22.27 -4.53
N LEU A 169 -5.20 21.80 -4.99
N LEU A 169 -7.32 23.05 -4.84
CA LEU A 169 -5.59 21.99 -6.37
CA LEU A 169 -7.86 23.06 -6.20
C LEU A 169 -6.65 20.97 -6.78
C LEU A 169 -7.00 23.93 -7.14
N SER B 1 27.24 -16.47 -7.28
N SER B 1 27.19 -16.37 -7.22
CA SER B 1 26.11 -17.13 -7.96
CA SER B 1 26.06 -17.06 -7.87
C SER B 1 25.31 -16.14 -8.78
C SER B 1 25.27 -16.09 -8.74
N MET B 2 24.50 -16.70 -9.68
N MET B 2 24.37 -16.65 -9.53
CA MET B 2 23.78 -15.95 -10.69
CA MET B 2 23.64 -15.91 -10.56
C MET B 2 22.30 -16.00 -10.36
C MET B 2 22.15 -15.93 -10.21
N VAL B 3 21.74 -14.85 -9.98
N VAL B 3 21.65 -14.80 -9.74
CA VAL B 3 20.31 -14.71 -9.73
CA VAL B 3 20.22 -14.63 -9.50
C VAL B 3 19.80 -13.51 -10.51
C VAL B 3 19.73 -13.40 -10.26
N ASN B 4 18.49 -13.48 -10.73
CA ASN B 4 17.86 -12.40 -11.49
C ASN B 4 18.60 -12.15 -12.80
N SER B 5 18.96 -13.23 -13.49
CA SER B 5 19.70 -13.13 -14.75
C SER B 5 18.72 -13.24 -15.91
N PHE B 6 17.98 -12.17 -16.10
CA PHE B 6 16.98 -12.11 -17.17
C PHE B 6 17.69 -11.84 -18.50
N SER B 7 17.28 -12.59 -19.53
CA SER B 7 17.92 -12.49 -20.84
C SER B 7 16.87 -12.59 -21.94
N GLY B 8 17.07 -11.80 -22.99
CA GLY B 8 16.21 -11.87 -24.15
C GLY B 8 14.90 -11.14 -24.03
N TYR B 9 14.77 -10.22 -23.08
CA TYR B 9 13.54 -9.46 -22.91
C TYR B 9 13.54 -8.22 -23.78
N LEU B 10 12.33 -7.86 -24.24
CA LEU B 10 12.11 -6.65 -24.99
C LEU B 10 11.63 -5.57 -24.03
N LYS B 11 12.27 -4.41 -24.08
CA LYS B 11 11.93 -3.30 -23.20
C LYS B 11 10.68 -2.60 -23.74
N LEU B 12 9.64 -2.50 -22.91
CA LEU B 12 8.45 -1.73 -23.24
C LEU B 12 8.49 -0.33 -22.63
N THR B 13 8.83 -0.24 -21.35
CA THR B 13 9.05 1.01 -20.67
C THR B 13 10.34 0.88 -19.87
N ASP B 14 10.68 1.93 -19.14
N ASP B 14 10.68 1.93 -19.12
CA ASP B 14 11.91 1.92 -18.36
CA ASP B 14 11.92 1.92 -18.36
C ASP B 14 11.94 0.75 -17.37
C ASP B 14 11.93 0.86 -17.26
N ASN B 15 10.77 0.29 -16.91
CA ASN B 15 10.72 -0.74 -15.89
C ASN B 15 9.91 -1.99 -16.26
N VAL B 16 9.32 -2.05 -17.45
CA VAL B 16 8.52 -3.20 -17.86
C VAL B 16 9.16 -3.83 -19.09
N TYR B 17 9.43 -5.14 -18.99
CA TYR B 17 10.08 -5.92 -20.02
C TYR B 17 9.23 -7.14 -20.33
N ILE B 18 9.36 -7.69 -21.54
CA ILE B 18 8.48 -8.78 -21.97
C ILE B 18 9.26 -9.78 -22.81
N LYS B 19 8.88 -11.06 -22.68
CA LYS B 19 9.53 -12.14 -23.41
C LYS B 19 8.51 -13.22 -23.74
N ASN B 20 8.66 -13.84 -24.90
CA ASN B 20 7.88 -15.01 -25.26
C ASN B 20 8.57 -16.21 -24.62
N ALA B 21 8.00 -16.72 -23.53
CA ALA B 21 8.67 -17.76 -22.76
C ALA B 21 7.67 -18.46 -21.85
N ASP B 22 8.04 -19.69 -21.48
CA ASP B 22 7.35 -20.49 -20.46
C ASP B 22 7.86 -20.04 -19.10
N ILE B 23 6.97 -19.53 -18.25
CA ILE B 23 7.39 -18.91 -16.99
C ILE B 23 8.10 -19.90 -16.07
N VAL B 24 7.74 -21.17 -16.12
CA VAL B 24 8.43 -22.18 -15.31
C VAL B 24 9.86 -22.35 -15.80
N GLU B 25 10.04 -22.51 -17.11
CA GLU B 25 11.39 -22.65 -17.65
C GLU B 25 12.20 -21.39 -17.39
N GLU B 26 11.56 -20.23 -17.52
CA GLU B 26 12.23 -18.97 -17.23
C GLU B 26 12.68 -18.90 -15.78
N ALA B 27 11.79 -19.26 -14.85
CA ALA B 27 12.15 -19.22 -13.44
C ALA B 27 13.36 -20.11 -13.17
N LYS B 28 13.38 -21.31 -13.73
CA LYS B 28 14.50 -22.22 -13.48
C LYS B 28 15.80 -21.68 -14.06
N LYS B 29 15.73 -20.93 -15.17
CA LYS B 29 16.94 -20.38 -15.78
C LYS B 29 17.38 -19.07 -15.14
N VAL B 30 16.42 -18.18 -14.84
CA VAL B 30 16.73 -16.82 -14.37
C VAL B 30 17.12 -16.82 -12.89
N LYS B 31 16.57 -17.75 -12.13
CA LYS B 31 16.74 -17.82 -10.69
C LYS B 31 16.30 -16.50 -10.04
N PRO B 32 15.04 -16.10 -10.23
CA PRO B 32 14.58 -14.80 -9.71
C PRO B 32 14.40 -14.83 -8.20
N THR B 33 14.57 -13.65 -7.60
CA THR B 33 14.20 -13.48 -6.19
C THR B 33 12.71 -13.73 -6.01
N VAL B 34 11.89 -13.28 -6.96
CA VAL B 34 10.43 -13.35 -6.84
C VAL B 34 9.85 -13.83 -8.17
N VAL B 35 9.07 -14.89 -8.12
CA VAL B 35 8.16 -15.25 -9.20
C VAL B 35 6.75 -15.00 -8.73
N VAL B 36 5.94 -14.36 -9.59
CA VAL B 36 4.55 -14.09 -9.29
C VAL B 36 3.69 -15.25 -9.76
N ASN B 37 2.79 -15.69 -8.89
CA ASN B 37 1.73 -16.64 -9.24
C ASN B 37 0.42 -15.90 -9.49
N ALA B 38 -0.29 -16.33 -10.53
CA ALA B 38 -1.66 -15.91 -10.82
C ALA B 38 -2.60 -16.72 -9.94
N ALA B 39 -2.72 -16.28 -8.68
CA ALA B 39 -3.40 -17.01 -7.62
C ALA B 39 -4.88 -16.66 -7.55
N ASN B 40 -5.62 -17.48 -6.81
CA ASN B 40 -6.97 -17.18 -6.36
C ASN B 40 -6.98 -17.07 -4.83
N VAL B 41 -8.12 -16.65 -4.29
CA VAL B 41 -8.14 -16.26 -2.88
C VAL B 41 -7.88 -17.43 -1.93
N TYR B 42 -8.19 -18.66 -2.34
CA TYR B 42 -7.93 -19.83 -1.51
C TYR B 42 -6.64 -20.55 -1.90
N LEU B 43 -5.83 -19.95 -2.76
CA LEU B 43 -4.54 -20.52 -3.16
C LEU B 43 -4.70 -21.96 -3.61
N LYS B 44 -5.74 -22.22 -4.41
CA LYS B 44 -5.98 -23.53 -5.02
C LYS B 44 -5.40 -23.48 -6.43
N HIS B 45 -4.25 -24.13 -6.61
CA HIS B 45 -3.43 -23.94 -7.81
C HIS B 45 -3.79 -24.99 -8.85
N GLY B 46 -4.96 -24.80 -9.45
N GLY B 46 -4.97 -24.81 -9.44
CA GLY B 46 -5.51 -25.79 -10.36
CA GLY B 46 -5.49 -25.80 -10.37
C GLY B 46 -5.10 -25.71 -11.82
C GLY B 46 -4.96 -25.66 -11.78
N GLY B 47 -5.25 -24.53 -12.42
CA GLY B 47 -5.05 -24.37 -13.84
C GLY B 47 -4.10 -23.24 -14.19
N GLY B 48 -3.87 -23.09 -15.50
CA GLY B 48 -3.08 -21.98 -15.98
C GLY B 48 -1.74 -21.91 -15.32
N VAL B 49 -1.30 -20.67 -15.03
CA VAL B 49 0.01 -20.44 -14.44
C VAL B 49 0.13 -21.15 -13.09
N ALA B 50 -0.89 -21.02 -12.23
CA ALA B 50 -0.78 -21.59 -10.90
C ALA B 50 -0.61 -23.11 -10.96
N GLY B 51 -1.37 -23.78 -11.82
CA GLY B 51 -1.21 -25.21 -11.97
C GLY B 51 0.18 -25.59 -12.43
N ALA B 52 0.74 -24.82 -13.37
CA ALA B 52 2.07 -25.12 -13.87
C ALA B 52 3.14 -24.89 -12.80
N LEU B 53 3.05 -23.78 -12.07
CA LEU B 53 4.04 -23.54 -11.01
C LEU B 53 3.95 -24.63 -9.95
N ASN B 54 2.73 -24.96 -9.52
CA ASN B 54 2.62 -25.97 -8.47
C ASN B 54 3.14 -27.31 -8.94
N LYS B 55 2.83 -27.71 -10.18
CA LYS B 55 3.33 -28.98 -10.70
C LYS B 55 4.86 -28.99 -10.70
N ALA B 56 5.49 -27.88 -11.05
CA ALA B 56 6.95 -27.83 -11.06
C ALA B 56 7.52 -28.07 -9.67
N THR B 57 6.79 -27.68 -8.62
CA THR B 57 7.22 -27.90 -7.25
C THR B 57 6.82 -29.27 -6.71
N ASN B 58 6.29 -30.15 -7.58
CA ASN B 58 5.84 -31.47 -7.14
C ASN B 58 4.82 -31.37 -6.01
N ASN B 59 3.93 -30.38 -6.11
CA ASN B 59 2.81 -30.14 -5.19
C ASN B 59 3.25 -29.52 -3.86
N ALA B 60 4.53 -29.23 -3.66
CA ALA B 60 4.96 -28.60 -2.40
C ALA B 60 4.32 -27.24 -2.22
N MET B 61 4.13 -26.50 -3.32
CA MET B 61 3.47 -25.20 -3.23
C MET B 61 2.04 -25.35 -2.71
N GLN B 62 1.30 -26.36 -3.18
CA GLN B 62 -0.07 -26.53 -2.73
C GLN B 62 -0.13 -26.90 -1.24
N VAL B 63 0.75 -27.80 -0.80
CA VAL B 63 0.77 -28.18 0.61
C VAL B 63 1.05 -26.96 1.48
N GLU B 64 2.05 -26.16 1.10
CA GLU B 64 2.38 -24.95 1.85
C GLU B 64 1.22 -23.96 1.83
N SER B 65 0.56 -23.84 0.67
CA SER B 65 -0.55 -22.91 0.53
C SER B 65 -1.73 -23.31 1.40
N ASP B 66 -2.05 -24.61 1.46
CA ASP B 66 -3.17 -25.04 2.29
C ASP B 66 -2.90 -24.74 3.76
N ASP B 67 -1.65 -24.91 4.20
CA ASP B 67 -1.30 -24.56 5.56
C ASP B 67 -1.43 -23.06 5.80
N TYR B 68 -0.99 -22.24 4.84
CA TYR B 68 -1.16 -20.79 4.96
C TYR B 68 -2.63 -20.42 5.13
N ILE B 69 -3.51 -21.03 4.33
CA ILE B 69 -4.94 -20.73 4.41
C ILE B 69 -5.52 -21.16 5.74
N ALA B 70 -5.10 -22.32 6.24
CA ALA B 70 -5.61 -22.77 7.54
C ALA B 70 -5.28 -21.76 8.63
N THR B 71 -4.10 -21.15 8.57
CA THR B 71 -3.68 -20.21 9.59
C THR B 71 -4.26 -18.81 9.40
N ASN B 72 -4.40 -18.38 8.14
CA ASN B 72 -4.66 -16.98 7.83
C ASN B 72 -6.00 -16.72 7.15
N GLY B 73 -6.67 -17.73 6.62
CA GLY B 73 -7.86 -17.53 5.85
C GLY B 73 -7.54 -17.03 4.45
N PRO B 74 -8.58 -16.87 3.63
CA PRO B 74 -8.37 -16.50 2.22
C PRO B 74 -7.86 -15.07 2.07
N LEU B 75 -7.18 -14.86 0.94
CA LEU B 75 -6.77 -13.53 0.51
C LEU B 75 -7.99 -12.75 0.04
N LYS B 76 -7.79 -11.45 -0.17
CA LYS B 76 -8.76 -10.59 -0.86
C LYS B 76 -8.40 -10.54 -2.34
N VAL B 77 -9.43 -10.44 -3.19
CA VAL B 77 -9.17 -10.11 -4.59
C VAL B 77 -8.46 -8.76 -4.63
N GLY B 78 -7.34 -8.71 -5.35
CA GLY B 78 -6.47 -7.55 -5.35
C GLY B 78 -5.32 -7.64 -4.37
N GLY B 79 -5.32 -8.64 -3.49
CA GLY B 79 -4.28 -8.80 -2.50
C GLY B 79 -3.25 -9.85 -2.88
N SER B 80 -2.32 -10.10 -1.94
CA SER B 80 -1.22 -11.01 -2.19
C SER B 80 -0.68 -11.56 -0.88
N CYS B 81 0.13 -12.61 -1.00
CA CYS B 81 0.97 -13.07 0.09
C CYS B 81 2.29 -13.58 -0.48
N VAL B 82 3.32 -13.54 0.35
CA VAL B 82 4.64 -14.05 0.00
C VAL B 82 4.82 -15.41 0.65
N LEU B 83 5.12 -16.42 -0.16
CA LEU B 83 5.42 -17.77 0.29
C LEU B 83 6.74 -18.21 -0.34
N SER B 84 7.15 -19.45 -0.07
CA SER B 84 8.39 -19.93 -0.64
C SER B 84 8.30 -20.04 -2.16
N GLY B 85 9.44 -19.86 -2.82
CA GLY B 85 9.55 -20.12 -4.24
C GLY B 85 10.03 -21.51 -4.59
N HIS B 86 10.32 -22.38 -3.63
CA HIS B 86 10.60 -23.80 -3.88
C HIS B 86 11.76 -23.92 -4.86
N ASN B 87 11.63 -24.67 -5.95
CA ASN B 87 12.68 -24.83 -6.94
C ASN B 87 12.59 -23.80 -8.05
N LEU B 88 11.78 -22.75 -7.88
CA LEU B 88 11.53 -21.75 -8.91
C LEU B 88 12.15 -20.40 -8.62
N ALA B 89 12.26 -20.02 -7.35
CA ALA B 89 12.61 -18.66 -6.98
C ALA B 89 12.87 -18.65 -5.48
N LYS B 90 13.45 -17.55 -4.99
CA LYS B 90 13.53 -17.41 -3.54
C LYS B 90 12.13 -17.37 -2.94
N HIS B 91 11.26 -16.54 -3.50
CA HIS B 91 9.91 -16.34 -3.02
C HIS B 91 8.92 -16.47 -4.17
N CYS B 92 7.72 -16.91 -3.85
CA CYS B 92 6.58 -16.78 -4.75
C CYS B 92 5.63 -15.73 -4.18
N LEU B 93 5.36 -14.69 -4.96
CA LEU B 93 4.35 -13.69 -4.61
C LEU B 93 3.04 -14.14 -5.25
N HIS B 94 2.12 -14.64 -4.43
CA HIS B 94 0.81 -15.07 -4.89
C HIS B 94 -0.10 -13.85 -4.97
N VAL B 95 -0.47 -13.42 -6.17
CA VAL B 95 -1.27 -12.21 -6.37
C VAL B 95 -2.61 -12.60 -6.97
N VAL B 96 -3.69 -12.09 -6.39
CA VAL B 96 -5.05 -12.40 -6.85
C VAL B 96 -5.55 -11.25 -7.71
N GLY B 97 -5.54 -11.42 -9.03
CA GLY B 97 -6.23 -10.50 -9.92
C GLY B 97 -7.69 -10.89 -10.03
N PRO B 98 -8.55 -9.97 -10.45
CA PRO B 98 -9.95 -10.31 -10.66
C PRO B 98 -10.12 -11.33 -11.78
N ASN B 99 -11.03 -12.28 -11.55
CA ASN B 99 -11.37 -13.29 -12.54
C ASN B 99 -12.67 -12.85 -13.23
N VAL B 100 -12.54 -12.29 -14.43
N VAL B 100 -12.54 -12.30 -14.44
CA VAL B 100 -13.72 -11.85 -15.18
CA VAL B 100 -13.70 -11.85 -15.19
C VAL B 100 -14.62 -13.02 -15.53
C VAL B 100 -14.62 -13.02 -15.53
N ASN B 101 -14.05 -14.21 -15.75
CA ASN B 101 -14.86 -15.40 -15.99
C ASN B 101 -15.69 -15.81 -14.78
N LYS B 102 -15.37 -15.27 -13.59
CA LYS B 102 -16.18 -15.45 -12.39
C LYS B 102 -17.01 -14.21 -12.06
N GLY B 103 -17.04 -13.22 -12.95
CA GLY B 103 -17.82 -12.03 -12.73
C GLY B 103 -17.19 -11.00 -11.82
N GLU B 104 -15.92 -11.15 -11.47
N GLU B 104 -15.92 -11.15 -11.48
CA GLU B 104 -15.26 -10.23 -10.56
CA GLU B 104 -15.26 -10.20 -10.58
C GLU B 104 -14.91 -8.93 -11.28
C GLU B 104 -14.89 -8.93 -11.33
N ASP B 105 -14.80 -7.86 -10.49
N ASP B 105 -14.82 -7.83 -10.58
CA ASP B 105 -14.70 -6.51 -11.03
CA ASP B 105 -14.69 -6.50 -11.17
C ASP B 105 -13.31 -6.28 -11.63
C ASP B 105 -13.28 -6.29 -11.71
N ILE B 106 -13.25 -6.06 -12.94
N ILE B 106 -13.19 -6.02 -13.02
CA ILE B 106 -11.99 -5.79 -13.61
CA ILE B 106 -11.91 -5.76 -13.66
C ILE B 106 -11.28 -4.56 -13.03
C ILE B 106 -11.21 -4.54 -13.07
N GLN B 107 -12.02 -3.66 -12.38
N GLN B 107 -11.95 -3.66 -12.39
CA GLN B 107 -11.41 -2.49 -11.78
CA GLN B 107 -11.37 -2.48 -11.78
C GLN B 107 -10.37 -2.84 -10.72
C GLN B 107 -10.37 -2.83 -10.69
N LEU B 108 -10.46 -4.03 -10.11
CA LEU B 108 -9.53 -4.46 -9.06
C LEU B 108 -8.16 -4.84 -9.60
N LEU B 109 -7.98 -4.80 -10.92
CA LEU B 109 -6.70 -5.19 -11.49
C LEU B 109 -5.59 -4.23 -11.10
N LYS B 110 -5.90 -2.93 -10.98
CA LYS B 110 -4.85 -1.98 -10.58
C LYS B 110 -4.35 -2.30 -9.17
N SER B 111 -5.27 -2.55 -8.23
CA SER B 111 -4.87 -2.92 -6.87
C SER B 111 -3.99 -4.18 -6.90
N ALA B 112 -4.35 -5.16 -7.72
CA ALA B 112 -3.55 -6.37 -7.82
C ALA B 112 -2.12 -6.05 -8.26
N TYR B 113 -1.97 -5.23 -9.29
CA TYR B 113 -0.63 -4.88 -9.75
C TYR B 113 0.16 -4.06 -8.73
N GLU B 114 -0.52 -3.29 -7.88
CA GLU B 114 0.18 -2.51 -6.88
C GLU B 114 1.04 -3.40 -5.97
N ASN B 115 0.64 -4.66 -5.79
CA ASN B 115 1.46 -5.56 -4.97
C ASN B 115 2.87 -5.69 -5.52
N PHE B 116 3.04 -5.56 -6.84
CA PHE B 116 4.36 -5.74 -7.44
C PHE B 116 5.32 -4.67 -6.94
N ASN B 117 4.81 -3.49 -6.55
CA ASN B 117 5.68 -2.38 -6.15
C ASN B 117 6.39 -2.64 -4.83
N GLN B 118 6.04 -3.69 -4.12
CA GLN B 118 6.73 -4.05 -2.89
C GLN B 118 7.98 -4.90 -3.13
N HIS B 119 8.34 -5.14 -4.39
CA HIS B 119 9.49 -5.97 -4.74
C HIS B 119 10.28 -5.28 -5.84
N GLU B 120 11.60 -5.19 -5.69
CA GLU B 120 12.39 -4.40 -6.63
C GLU B 120 12.43 -5.02 -8.01
N VAL B 121 12.38 -6.35 -8.11
CA VAL B 121 12.41 -7.05 -9.40
C VAL B 121 11.60 -8.33 -9.29
N LEU B 122 10.80 -8.61 -10.32
CA LEU B 122 9.91 -9.77 -10.35
C LEU B 122 9.86 -10.39 -11.74
N LEU B 123 9.74 -11.71 -11.77
CA LEU B 123 9.31 -12.47 -12.95
C LEU B 123 7.82 -12.72 -12.80
N ALA B 124 7.03 -12.38 -13.83
CA ALA B 124 5.58 -12.40 -13.63
C ALA B 124 4.81 -12.74 -14.89
N PRO B 125 3.61 -13.29 -14.74
CA PRO B 125 2.64 -13.35 -15.84
C PRO B 125 1.79 -12.09 -15.83
N LEU B 126 1.03 -11.90 -16.92
CA LEU B 126 0.03 -10.84 -16.96
C LEU B 126 -1.15 -11.22 -16.09
N LEU B 127 -1.45 -10.37 -15.10
CA LEU B 127 -2.52 -10.67 -14.17
C LEU B 127 -3.88 -10.62 -14.86
N SER B 128 -4.76 -11.49 -14.42
CA SER B 128 -6.13 -11.61 -14.88
C SER B 128 -6.24 -12.07 -16.33
N ALA B 129 -5.12 -12.42 -16.99
CA ALA B 129 -5.17 -12.90 -18.36
C ALA B 129 -5.51 -14.39 -18.38
N GLY B 130 -5.60 -14.93 -19.59
CA GLY B 130 -5.76 -16.36 -19.75
C GLY B 130 -7.06 -16.85 -19.15
N ILE B 131 -6.96 -17.86 -18.29
CA ILE B 131 -8.13 -18.47 -17.69
C ILE B 131 -8.89 -17.51 -16.78
N PHE B 132 -8.29 -16.37 -16.41
CA PHE B 132 -9.00 -15.36 -15.64
C PHE B 132 -9.87 -14.44 -16.49
N GLY B 133 -9.72 -14.45 -17.82
CA GLY B 133 -10.70 -13.87 -18.72
C GLY B 133 -10.56 -12.40 -19.08
N ALA B 134 -9.59 -11.67 -18.53
CA ALA B 134 -9.44 -10.27 -18.91
C ALA B 134 -8.71 -10.17 -20.26
N ASP B 135 -8.87 -9.02 -20.89
CA ASP B 135 -8.15 -8.72 -22.12
C ASP B 135 -6.68 -8.57 -21.79
N PRO B 136 -5.79 -9.40 -22.33
CA PRO B 136 -4.37 -9.26 -21.99
C PRO B 136 -3.78 -7.92 -22.39
N ILE B 137 -4.31 -7.30 -23.46
CA ILE B 137 -3.87 -5.95 -23.83
C ILE B 137 -4.15 -4.97 -22.70
N HIS B 138 -5.33 -5.09 -22.09
CA HIS B 138 -5.66 -4.23 -20.96
C HIS B 138 -4.79 -4.56 -19.75
N SER B 139 -4.52 -5.83 -19.51
CA SER B 139 -3.67 -6.18 -18.37
C SER B 139 -2.29 -5.57 -18.53
N LEU B 140 -1.73 -5.61 -19.75
CA LEU B 140 -0.44 -4.98 -19.98
C LEU B 140 -0.51 -3.48 -19.74
N ARG B 141 -1.59 -2.84 -20.20
CA ARG B 141 -1.81 -1.42 -19.96
C ARG B 141 -1.78 -1.10 -18.48
N VAL B 142 -2.56 -1.84 -17.69
CA VAL B 142 -2.60 -1.57 -16.26
C VAL B 142 -1.24 -1.83 -15.63
N CYS B 143 -0.56 -2.88 -16.08
CA CYS B 143 0.78 -3.16 -15.57
C CYS B 143 1.70 -1.97 -15.78
N VAL B 144 1.78 -1.48 -17.01
CA VAL B 144 2.68 -0.38 -17.31
C VAL B 144 2.31 0.88 -16.53
N ASP B 145 1.02 1.11 -16.33
CA ASP B 145 0.55 2.33 -15.68
C ASP B 145 0.56 2.23 -14.16
N THR B 146 0.88 1.07 -13.60
CA THR B 146 0.81 0.85 -12.15
C THR B 146 2.13 0.42 -11.55
N VAL B 147 2.84 -0.50 -12.19
CA VAL B 147 4.07 -1.03 -11.63
C VAL B 147 5.20 -0.07 -11.93
N ARG B 148 5.98 0.24 -10.89
CA ARG B 148 7.15 1.11 -11.01
C ARG B 148 8.45 0.36 -10.76
N THR B 149 8.40 -0.81 -10.13
CA THR B 149 9.57 -1.66 -9.95
C THR B 149 9.79 -2.47 -11.23
N ASN B 150 10.85 -3.26 -11.27
CA ASN B 150 11.28 -3.89 -12.50
C ASN B 150 10.53 -5.21 -12.68
N VAL B 151 9.67 -5.27 -13.69
CA VAL B 151 8.85 -6.45 -13.92
C VAL B 151 9.20 -7.05 -15.29
N TYR B 152 9.48 -8.35 -15.27
CA TYR B 152 9.85 -9.15 -16.43
C TYR B 152 8.67 -10.09 -16.70
N LEU B 153 7.92 -9.79 -17.76
CA LEU B 153 6.70 -10.53 -18.09
C LEU B 153 7.00 -11.68 -19.03
N ALA B 154 6.51 -12.86 -18.70
CA ALA B 154 6.63 -14.05 -19.54
C ALA B 154 5.28 -14.34 -20.18
N VAL B 155 5.25 -14.41 -21.50
CA VAL B 155 4.05 -14.69 -22.27
C VAL B 155 4.31 -15.98 -23.05
N PHE B 156 3.53 -17.02 -22.77
CA PHE B 156 3.79 -18.35 -23.33
C PHE B 156 3.55 -18.41 -24.84
N ASP B 157 2.40 -17.92 -25.30
CA ASP B 157 2.01 -18.08 -26.70
C ASP B 157 2.66 -16.99 -27.54
N LYS B 158 3.50 -17.39 -28.51
CA LYS B 158 4.14 -16.44 -29.42
C LYS B 158 3.12 -15.52 -30.10
N ASN B 159 1.95 -16.06 -30.45
CA ASN B 159 0.96 -15.23 -31.15
C ASN B 159 0.36 -14.16 -30.24
N LEU B 160 0.15 -14.48 -28.95
CA LEU B 160 -0.29 -13.45 -28.01
C LEU B 160 0.82 -12.45 -27.75
N TYR B 161 2.06 -12.95 -27.58
CA TYR B 161 3.20 -12.06 -27.42
C TYR B 161 3.25 -11.04 -28.55
N ASP B 162 3.12 -11.50 -29.80
CA ASP B 162 3.17 -10.60 -30.94
C ASP B 162 2.04 -9.57 -30.90
N LYS B 163 0.83 -10.02 -30.53
CA LYS B 163 -0.28 -9.08 -30.42
C LYS B 163 -0.03 -8.03 -29.35
N LEU B 164 0.53 -8.43 -28.21
CA LEU B 164 0.81 -7.50 -27.12
C LEU B 164 1.89 -6.50 -27.53
N VAL B 165 2.98 -6.97 -28.13
CA VAL B 165 4.08 -6.08 -28.48
C VAL B 165 3.66 -5.16 -29.62
N SER B 166 3.07 -5.74 -30.68
CA SER B 166 2.77 -4.96 -31.87
C SER B 166 1.73 -3.89 -31.59
N SER B 167 0.85 -4.08 -30.61
CA SER B 167 -0.20 -3.12 -30.30
C SER B 167 0.15 -2.17 -29.15
N PHE B 168 1.28 -2.39 -28.45
CA PHE B 168 1.61 -1.53 -27.32
C PHE B 168 1.95 -0.11 -27.76
N LEU B 169 2.57 0.03 -28.93
CA LEU B 169 2.99 1.32 -29.44
C LEU B 169 2.93 1.39 -30.96
C1 TFA C . -0.17 16.97 10.75
C2 TFA C . 1.03 16.61 9.83
O TFA C . -1.02 16.08 10.80
F1 TFA C . 0.61 16.55 8.56
F2 TFA C . 2.02 17.50 9.86
F3 TFA C . 1.59 15.43 10.15
OXT TFA C . -0.10 18.07 11.27
N2 A1BAI D . -1.75 14.06 12.58
C3 A1BAI D . 0.65 15.30 11.35
C6 A1BAI D . -1.90 13.21 15.10
C9 A1BAI D . -0.54 12.92 16.87
C1 A1BAI D . 1.78 13.29 10.15
C10 A1BAI D . 0.77 16.90 11.53
C11 A1BAI D . -0.27 17.42 12.53
C2 A1BAI D . 1.80 14.81 10.38
C4 A1BAI D . -0.55 14.06 13.30
C5 A1BAI D . -2.91 13.62 13.17
C7 A1BAI D . -0.61 13.61 14.68
C8 A1BAI D . 0.24 13.42 15.83
N1 A1BAI D . 0.61 14.53 12.64
N3 A1BAI D . -3.09 13.18 14.42
N4 A1BAI D . -1.89 12.77 16.44
O1 A1BAI D . 0.59 17.50 10.28
H1 A1BAI D . -0.31 15.13 10.80
H11 A1BAI D . -0.45 12.61 17.89
H5 A1BAI D . 2.67 12.91 9.60
H3 A1BAI D . 0.91 12.97 9.55
H4 A1BAI D . 1.74 12.71 11.09
H2 A1BAI D . 1.79 17.15 11.91
H14 A1BAI D . -1.12 17.93 12.03
H13 A1BAI D . 0.16 18.13 13.25
H15 A1BAI D . -0.73 16.63 13.13
H6 A1BAI D . 1.72 15.34 9.40
H7 A1BAI D . 2.79 15.12 10.77
H9 A1BAI D . -3.85 13.63 12.55
H10 A1BAI D . 1.30 13.60 15.97
H8 A1BAI D . 1.54 14.35 13.03
H12 A1BAI D . -2.59 12.45 16.99
H16 A1BAI D . 0.20 18.38 10.37
O1 A1BAJ E . 1.27 13.27 10.07
C1 A1BAJ E . 0.52 17.48 9.84
C2 A1BAJ E . 0.79 16.85 11.24
C3 A1BAJ E . 0.57 15.28 11.28
C4 A1BAJ E . -0.69 14.21 13.30
C5 A1BAJ E . -3.01 13.61 13.17
C6 A1BAJ E . -1.96 13.18 15.07
C7 A1BAJ E . -0.70 13.69 14.66
C8 A1BAJ E . 0.17 13.50 15.79
C10 A1BAJ E . 1.72 14.55 10.41
C11 A1BAJ E . 3.04 14.48 11.22
C9 A1BAJ E . -0.55 12.91 16.81
N1 A1BAJ E . 0.45 14.77 12.68
N2 A1BAJ E . -1.88 14.16 12.59
N3 A1BAJ E . -3.18 13.10 14.41
N4 A1BAJ E . -1.91 12.69 16.40
H16 A1BAJ E . 1.59 13.01 9.19
H3 A1BAJ E . 0.67 18.57 9.83
H5 A1BAJ E . -0.52 17.32 9.47
H4 A1BAJ E . 1.17 17.07 9.04
H6 A1BAJ E . 0.14 17.35 11.99
H7 A1BAJ E . 1.83 17.12 11.56
H1 A1BAJ E . -0.42 15.10 10.76
H9 A1BAJ E . -3.94 13.59 12.54
H10 A1BAJ E . 1.23 13.74 15.93
H2 A1BAJ E . 1.90 15.15 9.47
H15 A1BAJ E . 2.91 13.99 12.20
H14 A1BAJ E . 3.47 15.48 11.43
H13 A1BAJ E . 3.81 13.91 10.68
H11 A1BAJ E . -0.43 12.56 17.83
H8 A1BAJ E . 1.34 14.86 13.21
H12 A1BAJ E . -2.57 12.30 16.93
CL CL F . 4.32 13.75 13.38
#